data_8QVX
#
_entry.id   8QVX
#
_cell.length_a   1.00
_cell.length_b   1.00
_cell.length_c   1.00
_cell.angle_alpha   90.00
_cell.angle_beta   90.00
_cell.angle_gamma   90.00
#
_symmetry.space_group_name_H-M   'P 1'
#
loop_
_entity.id
_entity.type
_entity.pdbx_description
1 polymer 'Signal recognition particle subunit SRP68'
2 polymer 'Signal recognition particle subunit SRP72'
#
loop_
_entity_poly.entity_id
_entity_poly.type
_entity_poly.pdbx_seq_one_letter_code
_entity_poly.pdbx_strand_id
1 'polypeptide(L)'
;MKEFGDSLSLEILQIIKESQQQHGLRHGDFQRYRGYCSRRQRRLRKTLNFKMGNRHKFTGKKVTEELLTDNRYLLLVLMD
AERAWSYAMQLKQEANTEPRKRFHLLSRLRKAVKHAEELERLCESNRVDAKTKLEAQAYTAYLSGMLRFEHQEWKAAIEA
FNKCKTIYEKLASAFTEEQAVLYNQRVEEISPNIRYCAYNIGDQSAINELMQMRLRSGGTEGLLAEKLEALITQTRAKQA
ATMSEVEWRGRTVPVKIDKVRIFLLGLADNEAAIVQAESEETKERLFESMLSECRDAIQVVREELKPDQKQRDYILEGEP
GKVSNLQYLHSYLTYIKLSTAIKRNENMAKGLQRALLQQQPEDDSKRSPRPQDLIRLYDIILQNLVELLQLPGLEEDKAF
QKEIGLKTLVFKAYRCFFIAQSYVLVKKWSEALVLYDRVLKYANEVNSDAGAFKNSLKDLPDVQELITQVRSEKCSLQAA
AILDANDAHQTETSSSQVKDNKPLVERFETFCLDPSLVTKQANLVHFPPGFQPIPCKPLFFDLALNHVAFPPLEDKLEQK
TKSGLTGYIKGIFGFRS
;
A
2 'polypeptide(L)'
;SNAMASGGSGGVSVPALWSEVNRYGQNGDFTRALKTVNKILQINKDDVTALHCKVVCLIQNGSFKEALNVINTHTKVLAN
NSLSFEKAYCEYRLNRIENALKTIESANQQTDKLKELYGQVLYRLERYDECLAVYRDLVRNSQDDYDEERKTNLSAVVAA
QSNWEKVVPENLGLQEGTHELCYNTACALIGQGQLNQAMKILQKAEDLCRRSLSEDTDGTEEDPQAELAIIHGQMAYILQ
LQGRTEEALQLYNQIIKLKPTDVGLLAVIANNIITINKDQNVFDSKKKVKLTNAEGVEFKLSKKQLQAIEFNKALLAMYT
NQAEQCRKISASLQSQSPEHLLPVLIQAAQLCREKQHTKAIELLQEFSDQHPENAAEIKLTMAQLKISQGNISKACLILR
SIEELKHKPGMVSALVTMYSHEEDIDSAIEVFTQAIQWYQNHQPKSPAHLSLIREAANFKLKYGRKKEAISDLQQLWKQN
PKDIHTLAQLISAYSLVDPEKAKALSKHLPSSDSMSLKVDVEALENSAGATYIRKKGGKVTGDSQPKEQGQGDLKKKKKK
KKGKLPKNYDPKVTPDPERWLPMRERSYYRGRKKGKKKDQIGKGTQGATAGASSELDASKTVSSPPTSPRPGSAATVSAS
TSNIIPPRHQKPAGAPATKKKQQQKKKKGGKGGW
;
B
#
# COMPACT_ATOMS: atom_id res chain seq x y z
N ASN A 501 1.99 -19.19 -22.49
CA ASN A 501 1.24 -19.20 -21.25
C ASN A 501 0.95 -17.79 -20.75
N LYS A 502 2.00 -16.96 -20.69
CA LYS A 502 1.85 -15.60 -20.22
C LYS A 502 1.02 -14.78 -21.22
N PRO A 503 0.27 -13.80 -20.74
CA PRO A 503 -0.41 -12.88 -21.66
C PRO A 503 0.59 -11.98 -22.37
N LEU A 504 0.16 -11.43 -23.51
CA LEU A 504 1.05 -10.61 -24.32
C LEU A 504 1.50 -9.36 -23.57
N VAL A 505 0.74 -8.92 -22.57
CA VAL A 505 1.14 -7.75 -21.80
C VAL A 505 2.47 -7.94 -21.10
N GLU A 506 2.84 -9.19 -20.79
CA GLU A 506 4.13 -9.50 -20.19
C GLU A 506 5.17 -9.88 -21.23
N ARG A 507 4.83 -9.83 -22.52
CA ARG A 507 5.75 -10.21 -23.57
C ARG A 507 5.76 -9.13 -24.66
N PHE A 508 5.79 -7.87 -24.25
CA PHE A 508 5.81 -6.80 -25.24
C PHE A 508 7.19 -6.62 -25.87
N GLU A 509 8.25 -6.81 -25.09
CA GLU A 509 9.61 -6.71 -25.61
C GLU A 509 10.09 -8.06 -26.14
N THR A 510 9.28 -8.68 -27.01
CA THR A 510 9.62 -9.97 -27.58
C THR A 510 8.82 -10.14 -28.86
N PHE A 511 9.50 -10.17 -30.00
CA PHE A 511 8.84 -10.32 -31.29
C PHE A 511 8.74 -11.81 -31.62
N CYS A 512 7.52 -12.30 -31.75
CA CYS A 512 7.29 -13.72 -32.04
C CYS A 512 5.88 -13.88 -32.57
N LEU A 513 5.76 -14.48 -33.74
CA LEU A 513 4.46 -14.66 -34.40
C LEU A 513 3.75 -15.85 -33.75
N ASP A 514 3.06 -15.57 -32.65
CA ASP A 514 2.31 -16.59 -31.94
C ASP A 514 1.01 -16.82 -32.69
N PRO A 515 0.74 -18.03 -33.18
CA PRO A 515 -0.51 -18.25 -33.93
C PRO A 515 -1.77 -18.05 -33.10
N SER A 516 -1.74 -18.36 -31.81
CA SER A 516 -2.95 -18.27 -31.00
C SER A 516 -3.48 -16.85 -30.91
N LEU A 517 -2.65 -15.86 -31.26
CA LEU A 517 -3.11 -14.47 -31.26
C LEU A 517 -4.21 -14.23 -32.28
N VAL A 518 -4.37 -15.11 -33.28
CA VAL A 518 -5.43 -14.95 -34.27
C VAL A 518 -6.61 -15.87 -34.00
N THR A 519 -6.55 -16.71 -32.98
CA THR A 519 -7.59 -17.67 -32.66
C THR A 519 -8.44 -17.15 -31.50
N LYS A 520 -9.34 -18.00 -31.02
CA LYS A 520 -10.20 -17.62 -29.90
C LYS A 520 -9.39 -17.31 -28.64
N GLN A 521 -8.40 -18.14 -28.34
CA GLN A 521 -7.59 -17.98 -27.13
C GLN A 521 -6.41 -17.03 -27.43
N ALA A 522 -6.77 -15.77 -27.69
CA ALA A 522 -5.75 -14.77 -27.98
C ALA A 522 -4.85 -14.52 -26.77
N ASN A 523 -5.43 -14.48 -25.57
CA ASN A 523 -4.69 -14.24 -24.33
C ASN A 523 -3.91 -12.92 -24.40
N LEU A 524 -4.54 -11.87 -24.91
CA LEU A 524 -3.93 -10.55 -24.90
C LEU A 524 -3.73 -10.05 -23.48
N VAL A 525 -4.72 -10.24 -22.61
CA VAL A 525 -4.73 -9.67 -21.27
C VAL A 525 -5.28 -10.73 -20.31
N HIS A 526 -4.93 -10.59 -19.04
CA HIS A 526 -5.49 -11.42 -17.97
C HIS A 526 -6.99 -11.15 -17.88
N PHE A 527 -7.79 -12.10 -18.33
CA PHE A 527 -9.23 -11.91 -18.31
C PHE A 527 -9.91 -13.19 -17.83
N PRO A 528 -10.47 -13.23 -16.61
CA PRO A 528 -10.57 -12.15 -15.62
C PRO A 528 -9.21 -11.69 -15.13
N PRO A 529 -9.09 -10.45 -14.62
CA PRO A 529 -7.78 -9.95 -14.22
C PRO A 529 -7.22 -10.72 -13.04
N GLY A 530 -5.89 -10.76 -12.96
CA GLY A 530 -5.25 -11.50 -11.89
C GLY A 530 -5.46 -10.82 -10.54
N PHE A 531 -5.29 -11.60 -9.49
CA PHE A 531 -5.37 -11.08 -8.14
C PHE A 531 -4.21 -10.13 -7.88
N GLN A 532 -4.42 -9.22 -6.92
CA GLN A 532 -3.40 -8.24 -6.57
C GLN A 532 -2.81 -8.62 -5.22
N PRO A 533 -1.59 -9.18 -5.18
CA PRO A 533 -0.94 -9.40 -3.89
C PRO A 533 -0.31 -8.12 -3.38
N ILE A 534 -0.38 -7.88 -2.08
CA ILE A 534 0.17 -6.64 -1.52
C ILE A 534 1.39 -6.96 -0.67
N PRO A 535 2.47 -6.20 -0.81
CA PRO A 535 3.58 -6.35 0.14
C PRO A 535 3.15 -5.94 1.53
N CYS A 536 3.73 -6.61 2.52
CA CYS A 536 3.45 -6.25 3.90
C CYS A 536 3.93 -4.83 4.18
N LYS A 537 3.16 -4.10 4.98
CA LYS A 537 3.47 -2.71 5.24
C LYS A 537 4.82 -2.59 5.96
N PRO A 538 5.59 -1.53 5.71
CA PRO A 538 6.83 -1.34 6.45
C PRO A 538 6.57 -1.20 7.94
N LEU A 539 7.66 -1.17 8.69
CA LEU A 539 7.58 -1.10 10.15
C LEU A 539 7.74 0.34 10.60
N PHE A 540 6.76 0.83 11.36
CA PHE A 540 6.73 2.21 11.82
C PHE A 540 6.51 2.21 13.32
N PHE A 541 7.20 3.12 14.02
CA PHE A 541 7.11 3.22 15.46
C PHE A 541 6.54 4.56 15.89
N ASP A 542 5.79 4.53 16.99
CA ASP A 542 5.19 5.72 17.59
C ASP A 542 6.25 6.39 18.45
N LEU A 543 6.97 7.34 17.87
CA LEU A 543 8.01 8.07 18.61
C LEU A 543 7.47 9.30 19.33
N ALA A 544 6.19 9.65 19.12
CA ALA A 544 5.60 10.75 19.86
C ALA A 544 5.25 10.36 21.28
N LEU A 545 4.98 9.08 21.52
CA LEU A 545 4.62 8.63 22.86
C LEU A 545 5.75 8.87 23.85
N ASN A 546 7.00 8.84 23.39
CA ASN A 546 8.12 9.12 24.27
C ASN A 546 8.14 10.58 24.71
N HIS A 547 7.46 11.46 24.01
CA HIS A 547 7.41 12.88 24.38
C HIS A 547 6.32 13.19 25.39
N VAL A 548 5.41 12.27 25.65
CA VAL A 548 4.33 12.50 26.62
C VAL A 548 4.95 12.37 28.01
N ALA A 549 5.26 13.50 28.63
CA ALA A 549 5.90 13.52 29.94
C ALA A 549 5.35 14.69 30.75
N PHE A 550 5.64 14.67 32.04
CA PHE A 550 5.21 15.75 32.92
C PHE A 550 5.94 17.04 32.57
N PRO A 551 5.32 18.19 32.80
CA PRO A 551 6.01 19.46 32.62
C PRO A 551 7.05 19.65 33.71
N PRO A 552 7.94 20.64 33.58
CA PRO A 552 8.91 20.90 34.65
C PRO A 552 8.23 21.31 35.94
N LEU A 553 8.34 20.49 36.99
CA LEU A 553 7.68 20.74 38.26
C LEU A 553 8.56 21.48 39.26
N GLU A 554 9.80 21.78 38.89
CA GLU A 554 10.75 22.34 39.87
C GLU A 554 10.31 23.73 40.34
N ASP A 555 9.60 24.46 39.50
CA ASP A 555 9.10 25.78 39.89
C ASP A 555 7.95 25.69 40.89
N LYS A 556 7.32 24.53 41.02
CA LYS A 556 6.21 24.31 41.94
C LYS A 556 6.46 23.02 42.73
N LEU A 557 7.67 22.90 43.26
CA LEU A 557 8.12 21.72 43.99
C LEU A 557 8.36 22.06 45.45
N GLU A 558 8.77 21.03 46.20
CA GLU A 558 9.08 21.20 47.61
C GLU A 558 10.45 21.84 47.79
N GLY B 11 -5.20 17.12 56.67
CA GLY B 11 -4.61 17.83 55.54
C GLY B 11 -3.12 17.58 55.40
N VAL B 12 -2.65 17.56 54.15
CA VAL B 12 -1.25 17.32 53.84
C VAL B 12 -0.73 18.47 53.01
N SER B 13 0.57 18.73 53.08
CA SER B 13 1.17 19.88 52.42
C SER B 13 1.18 19.69 50.91
N VAL B 14 0.83 20.75 50.19
CA VAL B 14 0.79 20.74 48.72
C VAL B 14 2.19 20.53 48.14
N PRO B 15 3.24 21.22 48.63
CA PRO B 15 4.59 20.86 48.16
C PRO B 15 4.95 19.41 48.38
N ALA B 16 4.47 18.81 49.48
CA ALA B 16 4.70 17.39 49.68
C ALA B 16 4.01 16.56 48.61
N LEU B 17 2.78 16.91 48.26
CA LEU B 17 2.08 16.21 47.18
C LEU B 17 2.82 16.36 45.86
N TRP B 18 3.34 17.56 45.57
CA TRP B 18 4.07 17.76 44.33
C TRP B 18 5.36 16.95 44.30
N SER B 19 6.08 16.91 45.42
CA SER B 19 7.29 16.10 45.49
C SER B 19 6.98 14.62 45.27
N GLU B 20 5.93 14.13 45.92
CA GLU B 20 5.58 12.71 45.77
C GLU B 20 5.07 12.41 44.38
N VAL B 21 4.36 13.35 43.73
CA VAL B 21 3.94 13.15 42.34
C VAL B 21 5.15 13.07 41.43
N ASN B 22 6.14 13.95 41.65
CA ASN B 22 7.36 13.89 40.85
C ASN B 22 8.08 12.57 41.08
N ARG B 23 8.10 12.09 42.32
CA ARG B 23 8.72 10.80 42.61
C ARG B 23 8.02 9.67 41.87
N TYR B 24 6.69 9.67 41.90
CA TYR B 24 5.94 8.64 41.18
C TYR B 24 6.16 8.72 39.69
N GLY B 25 6.25 9.93 39.14
CA GLY B 25 6.49 10.08 37.72
C GLY B 25 7.86 9.60 37.30
N GLN B 26 8.88 9.90 38.10
CA GLN B 26 10.23 9.43 37.80
C GLN B 26 10.31 7.91 37.95
N ASN B 27 9.62 7.36 38.95
CA ASN B 27 9.55 5.91 39.14
C ASN B 27 8.89 5.21 37.95
N GLY B 28 7.99 5.88 37.24
CA GLY B 28 7.29 5.28 36.13
C GLY B 28 5.87 4.84 36.44
N ASP B 29 5.48 4.79 37.70
CA ASP B 29 4.10 4.46 38.07
C ASP B 29 3.21 5.63 37.71
N PHE B 30 2.18 5.38 36.91
CA PHE B 30 1.31 6.45 36.45
C PHE B 30 -0.11 6.37 36.99
N THR B 31 -0.58 5.18 37.36
CA THR B 31 -1.94 5.07 37.91
C THR B 31 -2.04 5.73 39.28
N ARG B 32 -1.11 5.40 40.19
CA ARG B 32 -1.11 6.04 41.50
C ARG B 32 -0.75 7.51 41.40
N ALA B 33 0.16 7.86 40.49
CA ALA B 33 0.47 9.26 40.27
C ALA B 33 -0.76 10.03 39.82
N LEU B 34 -1.57 9.41 38.95
CA LEU B 34 -2.81 10.04 38.53
C LEU B 34 -3.78 10.18 39.69
N LYS B 35 -3.86 9.17 40.55
CA LYS B 35 -4.78 9.27 41.69
C LYS B 35 -4.38 10.40 42.63
N THR B 36 -3.08 10.58 42.86
CA THR B 36 -2.66 11.69 43.71
C THR B 36 -2.74 13.04 42.98
N VAL B 37 -2.62 13.06 41.65
CA VAL B 37 -2.90 14.29 40.92
C VAL B 37 -4.38 14.64 41.05
N ASN B 38 -5.24 13.64 41.08
CA ASN B 38 -6.65 13.87 41.37
C ASN B 38 -6.81 14.47 42.76
N LYS B 39 -6.07 13.95 43.74
CA LYS B 39 -6.11 14.52 45.09
C LYS B 39 -5.70 15.99 45.10
N ILE B 40 -4.58 16.32 44.43
CA ILE B 40 -4.10 17.69 44.45
C ILE B 40 -5.06 18.62 43.71
N LEU B 41 -5.65 18.15 42.61
CA LEU B 41 -6.57 18.99 41.86
C LEU B 41 -7.88 19.20 42.60
N GLN B 42 -8.35 18.20 43.36
CA GLN B 42 -9.50 18.47 44.22
C GLN B 42 -9.13 19.34 45.41
N ILE B 43 -7.84 19.38 45.77
CA ILE B 43 -7.39 20.38 46.73
C ILE B 43 -7.40 21.77 46.10
N ASN B 44 -6.90 21.89 44.87
CA ASN B 44 -6.81 23.17 44.16
C ASN B 44 -7.16 22.93 42.70
N LYS B 45 -8.25 23.52 42.24
CA LYS B 45 -8.84 23.19 40.95
C LYS B 45 -8.38 24.11 39.81
N ASP B 46 -7.76 25.25 40.12
CA ASP B 46 -7.43 26.26 39.12
C ASP B 46 -5.92 26.30 38.89
N ASP B 47 -5.29 25.13 38.84
CA ASP B 47 -3.86 25.02 38.63
C ASP B 47 -3.61 24.33 37.29
N VAL B 48 -2.88 25.00 36.41
CA VAL B 48 -2.65 24.48 35.06
C VAL B 48 -1.73 23.26 35.09
N THR B 49 -0.69 23.29 35.94
CA THR B 49 0.26 22.19 35.97
C THR B 49 -0.40 20.88 36.40
N ALA B 50 -1.34 20.95 37.34
CA ALA B 50 -2.05 19.74 37.75
C ALA B 50 -2.85 19.16 36.59
N LEU B 51 -3.50 20.02 35.80
CA LEU B 51 -4.27 19.53 34.66
C LEU B 51 -3.35 18.93 33.60
N HIS B 52 -2.20 19.56 33.34
CA HIS B 52 -1.26 18.99 32.40
C HIS B 52 -0.76 17.63 32.88
N CYS B 53 -0.46 17.52 34.17
CA CYS B 53 0.00 16.26 34.72
C CYS B 53 -1.06 15.18 34.60
N LYS B 54 -2.32 15.53 34.86
CA LYS B 54 -3.37 14.51 34.81
C LYS B 54 -3.64 14.08 33.37
N VAL B 55 -3.59 15.00 32.41
CA VAL B 55 -3.79 14.59 31.02
C VAL B 55 -2.63 13.73 30.55
N VAL B 56 -1.41 14.05 30.98
CA VAL B 56 -0.27 13.19 30.64
C VAL B 56 -0.45 11.80 31.24
N CYS B 57 -0.92 11.74 32.49
CA CYS B 57 -1.16 10.45 33.13
C CYS B 57 -2.21 9.65 32.37
N LEU B 58 -3.29 10.32 31.94
CA LEU B 58 -4.33 9.63 31.18
C LEU B 58 -3.80 9.14 29.84
N ILE B 59 -2.97 9.94 29.16
CA ILE B 59 -2.38 9.51 27.90
C ILE B 59 -1.55 8.25 28.12
N GLN B 60 -0.69 8.28 29.15
CA GLN B 60 0.21 7.15 29.38
C GLN B 60 -0.54 5.92 29.87
N ASN B 61 -1.70 6.12 30.50
CA ASN B 61 -2.51 4.99 30.93
C ASN B 61 -3.29 4.35 29.79
N GLY B 62 -3.31 4.98 28.61
CA GLY B 62 -4.02 4.45 27.46
C GLY B 62 -5.45 4.92 27.31
N SER B 63 -5.95 5.76 28.21
CA SER B 63 -7.31 6.29 28.11
C SER B 63 -7.27 7.67 27.43
N PHE B 64 -7.13 7.63 26.12
CA PHE B 64 -7.05 8.88 25.35
C PHE B 64 -8.39 9.61 25.35
N LYS B 65 -9.49 8.87 25.38
CA LYS B 65 -10.81 9.49 25.37
C LYS B 65 -11.01 10.37 26.60
N GLU B 66 -10.63 9.86 27.78
CA GLU B 66 -10.76 10.65 29.00
C GLU B 66 -9.85 11.87 28.98
N ALA B 67 -8.64 11.73 28.44
CA ALA B 67 -7.72 12.87 28.36
C ALA B 67 -8.27 13.96 27.43
N LEU B 68 -8.81 13.55 26.29
CA LEU B 68 -9.42 14.51 25.38
C LEU B 68 -10.63 15.17 26.03
N ASN B 69 -11.42 14.40 26.78
CA ASN B 69 -12.54 14.95 27.53
C ASN B 69 -12.06 16.02 28.51
N VAL B 70 -10.98 15.73 29.24
CA VAL B 70 -10.45 16.68 30.21
C VAL B 70 -9.99 17.95 29.51
N ILE B 71 -9.26 17.80 28.40
CA ILE B 71 -8.76 18.98 27.69
C ILE B 71 -9.91 19.83 27.17
N ASN B 72 -10.91 19.19 26.57
CA ASN B 72 -12.03 19.92 26.00
C ASN B 72 -12.84 20.64 27.08
N THR B 73 -13.06 19.98 28.22
CA THR B 73 -13.92 20.58 29.24
C THR B 73 -13.14 21.52 30.16
N HIS B 74 -11.82 21.58 30.05
CA HIS B 74 -11.04 22.55 30.80
C HIS B 74 -10.32 23.55 29.90
N THR B 75 -10.63 23.57 28.60
CA THR B 75 -10.01 24.55 27.71
C THR B 75 -10.28 25.98 28.15
N LYS B 76 -11.45 26.25 28.72
CA LYS B 76 -11.77 27.61 29.15
C LYS B 76 -10.80 28.09 30.23
N VAL B 77 -10.53 27.25 31.22
CA VAL B 77 -9.56 27.57 32.26
C VAL B 77 -8.13 27.51 31.76
N LEU B 78 -7.83 26.63 30.81
CA LEU B 78 -6.46 26.45 30.34
C LEU B 78 -5.94 27.71 29.68
N ALA B 79 -6.49 28.06 28.51
CA ALA B 79 -6.02 29.19 27.71
C ALA B 79 -4.51 29.25 27.67
N ASN B 80 -3.96 30.46 27.84
CA ASN B 80 -2.53 30.68 28.01
C ASN B 80 -1.71 30.04 26.88
N ASN B 81 -0.91 29.03 27.22
CA ASN B 81 -0.03 28.39 26.26
C ASN B 81 -0.69 27.25 25.49
N SER B 82 -1.77 26.68 26.04
CA SER B 82 -2.57 25.60 25.43
C SER B 82 -1.80 24.29 25.37
N LEU B 83 -2.50 23.18 25.56
CA LEU B 83 -1.90 21.85 25.53
C LEU B 83 -2.11 21.21 24.15
N SER B 84 -1.61 21.91 23.12
CA SER B 84 -1.90 21.50 21.75
C SER B 84 -1.36 20.11 21.44
N PHE B 85 -0.13 19.83 21.87
CA PHE B 85 0.51 18.56 21.51
C PHE B 85 -0.23 17.38 22.12
N GLU B 86 -0.67 17.51 23.38
CA GLU B 86 -1.30 16.37 24.05
C GLU B 86 -2.63 16.02 23.40
N LYS B 87 -3.46 17.02 23.09
CA LYS B 87 -4.73 16.72 22.43
C LYS B 87 -4.52 16.25 21.00
N ALA B 88 -3.51 16.80 20.32
CA ALA B 88 -3.18 16.30 18.99
C ALA B 88 -2.82 14.82 19.02
N TYR B 89 -2.00 14.43 19.99
CA TYR B 89 -1.64 13.02 20.12
C TYR B 89 -2.84 12.17 20.51
N CYS B 90 -3.71 12.69 21.38
CA CYS B 90 -4.88 11.93 21.80
C CYS B 90 -5.82 11.66 20.65
N GLU B 91 -6.05 12.67 19.80
CA GLU B 91 -6.91 12.46 18.64
C GLU B 91 -6.20 11.60 17.59
N TYR B 92 -4.87 11.70 17.50
CA TYR B 92 -4.12 10.79 16.64
C TYR B 92 -4.37 9.34 17.03
N ARG B 93 -4.17 9.02 18.31
CA ARG B 93 -4.32 7.64 18.76
C ARG B 93 -5.76 7.20 18.74
N LEU B 94 -6.70 8.11 18.52
CA LEU B 94 -8.10 7.79 18.33
C LEU B 94 -8.50 7.78 16.86
N ASN B 95 -7.51 7.84 15.96
CA ASN B 95 -7.66 7.82 14.51
C ASN B 95 -8.27 9.10 13.95
N ARG B 96 -8.16 10.22 14.68
CA ARG B 96 -8.60 11.51 14.18
C ARG B 96 -7.37 12.28 13.70
N ILE B 97 -6.94 11.94 12.48
CA ILE B 97 -5.72 12.54 11.94
C ILE B 97 -6.02 13.89 11.28
N GLU B 98 -7.19 14.02 10.67
CA GLU B 98 -7.56 15.28 10.03
C GLU B 98 -7.63 16.40 11.05
N ASN B 99 -8.23 16.13 12.22
CA ASN B 99 -8.21 17.12 13.29
C ASN B 99 -6.80 17.35 13.81
N ALA B 100 -5.96 16.31 13.82
CA ALA B 100 -4.59 16.47 14.28
C ALA B 100 -3.82 17.44 13.39
N LEU B 101 -4.12 17.45 12.09
CA LEU B 101 -3.49 18.42 11.20
C LEU B 101 -3.74 19.85 11.66
N LYS B 102 -5.01 20.25 11.76
CA LYS B 102 -5.31 21.60 12.21
C LYS B 102 -4.80 21.86 13.62
N THR B 103 -4.78 20.84 14.48
CA THR B 103 -4.25 21.02 15.82
C THR B 103 -2.78 21.38 15.81
N ILE B 104 -2.00 20.70 14.96
CA ILE B 104 -0.57 21.01 14.87
C ILE B 104 -0.34 22.35 14.20
N GLU B 105 -1.09 22.63 13.12
CA GLU B 105 -0.91 23.89 12.40
C GLU B 105 -1.31 25.09 13.24
N SER B 106 -2.35 24.97 14.06
CA SER B 106 -2.88 26.08 14.83
C SER B 106 -2.17 26.29 16.16
N ALA B 107 -1.16 25.48 16.47
CA ALA B 107 -0.44 25.65 17.72
C ALA B 107 0.30 26.99 17.75
N ASN B 108 0.45 27.54 18.95
CA ASN B 108 1.07 28.86 19.09
C ASN B 108 2.51 28.86 18.62
N GLN B 109 3.27 27.82 18.96
CA GLN B 109 4.67 27.73 18.59
C GLN B 109 4.98 26.29 18.19
N GLN B 110 6.11 26.09 17.53
CA GLN B 110 6.54 24.78 17.06
C GLN B 110 7.53 24.17 18.04
N THR B 111 7.26 22.93 18.43
CA THR B 111 8.12 22.19 19.35
C THR B 111 8.53 20.88 18.70
N ASP B 112 9.62 20.30 19.20
CA ASP B 112 10.12 19.05 18.64
C ASP B 112 9.11 17.92 18.79
N LYS B 113 8.36 17.89 19.90
CA LYS B 113 7.29 16.92 20.04
C LYS B 113 6.24 17.14 18.96
N LEU B 114 5.90 18.40 18.69
CA LEU B 114 4.96 18.71 17.64
C LEU B 114 5.49 18.34 16.27
N LYS B 115 6.79 18.52 16.04
CA LYS B 115 7.40 18.11 14.77
C LYS B 115 7.34 16.60 14.59
N GLU B 116 7.63 15.84 15.65
CA GLU B 116 7.54 14.39 15.57
C GLU B 116 6.12 13.93 15.27
N LEU B 117 5.14 14.50 16.00
CA LEU B 117 3.76 14.13 15.76
C LEU B 117 3.31 14.55 14.36
N TYR B 118 3.79 15.69 13.89
CA TYR B 118 3.51 16.15 12.54
C TYR B 118 4.03 15.17 11.51
N GLY B 119 5.25 14.68 11.69
CA GLY B 119 5.78 13.68 10.78
C GLY B 119 4.96 12.41 10.79
N GLN B 120 4.56 11.96 11.98
CA GLN B 120 3.77 10.74 12.04
C GLN B 120 2.41 10.89 11.37
N VAL B 121 1.71 12.01 11.58
CA VAL B 121 0.41 12.17 10.95
C VAL B 121 0.57 12.33 9.44
N LEU B 122 1.63 13.04 9.02
CA LEU B 122 1.90 13.18 7.60
C LEU B 122 2.16 11.82 6.94
N TYR B 123 2.84 10.92 7.65
CA TYR B 123 2.95 9.55 7.17
C TYR B 123 1.60 8.85 7.11
N ARG B 124 0.76 9.06 8.12
CA ARG B 124 -0.53 8.36 8.16
C ARG B 124 -1.48 8.80 7.06
N LEU B 125 -1.28 9.98 6.48
CA LEU B 125 -2.11 10.47 5.39
C LEU B 125 -1.44 10.37 4.03
N GLU B 126 -0.34 9.64 3.93
CA GLU B 126 0.32 9.35 2.66
C GLU B 126 0.79 10.59 1.93
N ARG B 127 1.00 11.69 2.65
CA ARG B 127 1.64 12.87 2.07
C ARG B 127 3.15 12.75 2.22
N TYR B 128 3.72 11.83 1.43
CA TYR B 128 5.07 11.34 1.67
C TYR B 128 6.15 12.38 1.37
N ASP B 129 5.89 13.35 0.49
CA ASP B 129 6.90 14.36 0.21
C ASP B 129 7.17 15.21 1.45
N GLU B 130 6.12 15.86 1.97
CA GLU B 130 6.27 16.67 3.17
C GLU B 130 6.67 15.83 4.37
N CYS B 131 6.13 14.61 4.47
CA CYS B 131 6.49 13.74 5.59
C CYS B 131 7.97 13.39 5.56
N LEU B 132 8.50 13.07 4.37
CA LEU B 132 9.91 12.78 4.25
C LEU B 132 10.76 14.01 4.58
N ALA B 133 10.33 15.18 4.12
CA ALA B 133 11.09 16.39 4.43
C ALA B 133 11.14 16.65 5.93
N VAL B 134 9.98 16.58 6.59
CA VAL B 134 9.94 16.87 8.02
C VAL B 134 10.69 15.80 8.81
N TYR B 135 10.64 14.53 8.37
CA TYR B 135 11.41 13.51 9.06
C TYR B 135 12.91 13.70 8.84
N ARG B 136 13.31 14.21 7.67
CA ARG B 136 14.71 14.52 7.47
C ARG B 136 15.16 15.62 8.41
N ASP B 137 14.34 16.66 8.58
CA ASP B 137 14.66 17.70 9.54
C ASP B 137 14.75 17.15 10.96
N LEU B 138 13.81 16.27 11.33
CA LEU B 138 13.85 15.66 12.66
C LEU B 138 15.12 14.86 12.88
N VAL B 139 15.46 13.98 11.95
CA VAL B 139 16.62 13.13 12.13
C VAL B 139 17.93 13.90 11.96
N ARG B 140 17.88 15.11 11.40
CA ARG B 140 19.09 15.91 11.26
C ARG B 140 19.34 16.80 12.47
N ASN B 141 18.35 17.61 12.85
CA ASN B 141 18.58 18.71 13.79
C ASN B 141 18.20 18.37 15.23
N SER B 142 17.77 17.15 15.51
CA SER B 142 17.35 16.77 16.86
C SER B 142 18.08 15.51 17.28
N GLN B 143 18.61 15.50 18.50
CA GLN B 143 19.36 14.39 19.04
C GLN B 143 18.70 13.85 20.30
N ASP B 144 18.59 12.52 20.39
CA ASP B 144 18.02 11.86 21.55
C ASP B 144 18.47 10.40 21.52
N ASP B 145 17.86 9.58 22.39
CA ASP B 145 18.18 8.16 22.48
C ASP B 145 17.18 7.30 21.71
N TYR B 146 16.47 7.90 20.76
CA TYR B 146 15.60 7.15 19.86
C TYR B 146 15.97 7.38 18.40
N ASP B 147 17.24 7.61 18.11
CA ASP B 147 17.67 7.92 16.75
C ASP B 147 17.52 6.74 15.80
N GLU B 148 17.74 5.51 16.28
CA GLU B 148 17.58 4.34 15.41
C GLU B 148 16.12 4.19 14.98
N GLU B 149 15.18 4.46 15.88
CA GLU B 149 13.77 4.42 15.49
C GLU B 149 13.44 5.56 14.53
N ARG B 150 14.10 6.70 14.67
CA ARG B 150 13.93 7.76 13.68
C ARG B 150 14.41 7.32 12.30
N LYS B 151 15.56 6.64 12.26
CA LYS B 151 16.07 6.15 10.99
C LYS B 151 15.14 5.12 10.38
N THR B 152 14.61 4.21 11.19
CA THR B 152 13.70 3.22 10.64
C THR B 152 12.37 3.85 10.21
N ASN B 153 11.95 4.94 10.87
CA ASN B 153 10.75 5.64 10.44
C ASN B 153 10.96 6.31 9.10
N LEU B 154 12.09 6.99 8.93
CA LEU B 154 12.41 7.60 7.63
C LEU B 154 12.55 6.55 6.54
N SER B 155 13.18 5.42 6.86
CA SER B 155 13.32 4.33 5.91
C SER B 155 11.96 3.74 5.54
N ALA B 156 11.06 3.61 6.51
CA ALA B 156 9.70 3.14 6.20
C ALA B 156 8.99 4.13 5.31
N VAL B 157 9.19 5.43 5.54
CA VAL B 157 8.60 6.45 4.67
C VAL B 157 9.08 6.25 3.24
N VAL B 158 10.39 6.11 3.05
CA VAL B 158 10.94 5.95 1.72
C VAL B 158 10.45 4.64 1.09
N ALA B 159 10.39 3.57 1.88
CA ALA B 159 9.96 2.28 1.36
C ALA B 159 8.51 2.32 0.91
N ALA B 160 7.62 2.91 1.70
CA ALA B 160 6.23 3.02 1.30
C ALA B 160 6.10 3.92 0.06
N GLN B 161 6.87 5.00 0.02
CA GLN B 161 6.82 5.89 -1.15
C GLN B 161 7.21 5.14 -2.41
N SER B 162 8.29 4.36 -2.35
CA SER B 162 8.73 3.61 -3.52
C SER B 162 7.76 2.49 -3.86
N ASN B 163 7.21 1.83 -2.84
CA ASN B 163 6.30 0.72 -3.09
C ASN B 163 5.02 1.17 -3.78
N TRP B 164 4.46 2.30 -3.36
CA TRP B 164 3.15 2.74 -3.85
C TRP B 164 3.22 3.89 -4.83
N GLU B 165 3.86 5.00 -4.48
CA GLU B 165 3.96 6.12 -5.40
C GLU B 165 5.04 5.90 -6.45
N LYS B 166 5.91 4.91 -6.26
CA LYS B 166 6.87 4.46 -7.26
C LYS B 166 7.87 5.54 -7.66
N VAL B 167 8.73 5.93 -6.72
CA VAL B 167 9.92 6.71 -7.04
C VAL B 167 11.14 5.87 -6.62
N VAL B 168 12.18 5.91 -7.42
CA VAL B 168 13.42 5.19 -7.05
C VAL B 168 13.99 5.82 -5.78
N PRO B 169 14.54 5.04 -4.84
CA PRO B 169 15.13 5.61 -3.63
C PRO B 169 16.53 6.15 -3.85
N THR B 178 19.52 -2.48 12.16
CA THR B 178 18.94 -3.65 12.84
C THR B 178 17.94 -4.37 11.95
N HIS B 179 17.22 -5.31 12.54
CA HIS B 179 16.24 -6.09 11.76
C HIS B 179 15.12 -5.21 11.22
N GLU B 180 14.77 -4.14 11.93
CA GLU B 180 13.76 -3.22 11.41
C GLU B 180 14.26 -2.52 10.15
N LEU B 181 15.51 -2.06 10.16
CA LEU B 181 16.08 -1.42 8.98
C LEU B 181 16.15 -2.40 7.81
N CYS B 182 16.55 -3.65 8.07
CA CYS B 182 16.64 -4.64 7.01
C CYS B 182 15.26 -4.96 6.43
N TYR B 183 14.26 -5.09 7.29
CA TYR B 183 12.91 -5.35 6.81
C TYR B 183 12.39 -4.19 5.98
N ASN B 184 12.65 -2.96 6.41
CA ASN B 184 12.20 -1.80 5.67
C ASN B 184 12.92 -1.70 4.32
N THR B 185 14.21 -1.99 4.28
CA THR B 185 14.92 -1.99 3.01
C THR B 185 14.43 -3.11 2.09
N ALA B 186 14.05 -4.25 2.66
CA ALA B 186 13.42 -5.30 1.87
C ALA B 186 12.11 -4.82 1.27
N CYS B 187 11.32 -4.07 2.05
CA CYS B 187 10.08 -3.50 1.52
C CYS B 187 10.37 -2.53 0.38
N ALA B 188 11.37 -1.68 0.53
CA ALA B 188 11.72 -0.74 -0.53
C ALA B 188 12.18 -1.47 -1.79
N LEU B 189 12.98 -2.53 -1.63
CA LEU B 189 13.44 -3.29 -2.78
C LEU B 189 12.29 -4.03 -3.45
N ILE B 190 11.34 -4.54 -2.65
CA ILE B 190 10.14 -5.15 -3.23
C ILE B 190 9.40 -4.14 -4.08
N GLY B 191 9.28 -2.91 -3.57
CA GLY B 191 8.69 -1.85 -4.37
C GLY B 191 9.46 -1.57 -5.64
N GLN B 192 10.79 -1.70 -5.57
CA GLN B 192 11.63 -1.52 -6.75
C GLN B 192 11.61 -2.73 -7.67
N GLY B 193 10.99 -3.84 -7.25
CA GLY B 193 10.84 -5.01 -8.10
C GLY B 193 11.91 -6.06 -7.96
N GLN B 194 13.00 -5.77 -7.24
CA GLN B 194 14.06 -6.75 -7.05
C GLN B 194 13.67 -7.75 -5.98
N LEU B 195 13.67 -9.03 -6.33
CA LEU B 195 13.09 -10.07 -5.49
C LEU B 195 14.13 -10.97 -4.82
N ASN B 196 15.17 -11.37 -5.55
CA ASN B 196 16.18 -12.25 -4.98
C ASN B 196 17.00 -11.54 -3.90
N GLN B 197 17.45 -10.32 -4.20
CA GLN B 197 18.21 -9.56 -3.21
C GLN B 197 17.32 -9.21 -2.02
N ALA B 198 16.03 -9.00 -2.27
CA ALA B 198 15.09 -8.82 -1.17
C ALA B 198 15.03 -10.06 -0.28
N MET B 199 15.00 -11.26 -0.87
CA MET B 199 15.01 -12.47 -0.07
C MET B 199 16.32 -12.60 0.70
N LYS B 200 17.44 -12.20 0.10
CA LYS B 200 18.71 -12.27 0.81
C LYS B 200 18.71 -11.36 2.03
N ILE B 201 18.31 -10.09 1.85
CA ILE B 201 18.29 -9.17 2.98
C ILE B 201 17.23 -9.58 4.00
N LEU B 202 16.18 -10.29 3.55
CA LEU B 202 15.17 -10.78 4.48
C LEU B 202 15.69 -11.95 5.28
N GLN B 203 16.51 -12.82 4.68
CA GLN B 203 17.17 -13.86 5.46
C GLN B 203 18.14 -13.26 6.46
N LYS B 204 18.82 -12.18 6.07
CA LYS B 204 19.69 -11.49 7.03
C LYS B 204 18.89 -10.93 8.19
N ALA B 205 17.73 -10.33 7.90
CA ALA B 205 16.86 -9.83 8.97
C ALA B 205 16.32 -10.98 9.82
N GLU B 206 16.05 -12.13 9.20
CA GLU B 206 15.66 -13.32 9.95
C GLU B 206 16.75 -13.73 10.93
N ASP B 207 18.00 -13.70 10.47
CA ASP B 207 19.13 -14.02 11.34
C ASP B 207 19.21 -13.04 12.50
N LEU B 208 19.08 -11.75 12.23
CA LEU B 208 19.16 -10.76 13.29
C LEU B 208 18.00 -10.88 14.27
N CYS B 209 16.80 -11.21 13.78
CA CYS B 209 15.67 -11.47 14.66
C CYS B 209 15.95 -12.67 15.57
N ARG B 210 16.50 -13.74 14.99
CA ARG B 210 16.84 -14.92 15.79
C ARG B 210 17.87 -14.55 16.86
N ARG B 211 18.89 -13.77 16.48
CA ARG B 211 19.93 -13.38 17.42
C ARG B 211 19.36 -12.55 18.56
N SER B 212 18.51 -11.57 18.24
CA SER B 212 17.96 -10.71 19.28
C SER B 212 17.01 -11.48 20.18
N LEU B 213 16.22 -12.40 19.63
CA LEU B 213 15.27 -13.14 20.45
C LEU B 213 15.97 -14.18 21.31
N SER B 214 17.11 -14.71 20.86
CA SER B 214 17.88 -15.63 21.70
C SER B 214 18.66 -14.89 22.77
N GLU B 215 19.15 -13.70 22.47
CA GLU B 215 19.85 -12.88 23.46
C GLU B 215 18.89 -12.39 24.53
N PRO B 224 7.18 -13.47 21.87
CA PRO B 224 8.52 -13.53 21.26
C PRO B 224 8.47 -13.97 19.80
N GLN B 225 7.66 -14.98 19.51
CA GLN B 225 7.55 -15.48 18.14
C GLN B 225 6.76 -14.54 17.23
N ALA B 226 5.94 -13.65 17.81
CA ALA B 226 5.09 -12.80 16.99
C ALA B 226 5.89 -11.91 16.06
N GLU B 227 6.92 -11.24 16.58
CA GLU B 227 7.76 -10.41 15.73
C GLU B 227 8.47 -11.21 14.66
N LEU B 228 8.56 -12.53 14.83
CA LEU B 228 9.10 -13.37 13.78
C LEU B 228 8.21 -13.33 12.55
N ALA B 229 6.90 -13.46 12.74
CA ALA B 229 5.99 -13.77 11.64
C ALA B 229 6.07 -12.72 10.55
N ILE B 230 6.23 -11.45 10.91
CA ILE B 230 6.21 -10.39 9.92
C ILE B 230 7.35 -10.56 8.93
N ILE B 231 8.52 -10.97 9.40
CA ILE B 231 9.61 -11.25 8.47
C ILE B 231 9.20 -12.34 7.50
N HIS B 232 8.62 -13.43 8.03
CA HIS B 232 8.10 -14.48 7.18
C HIS B 232 7.03 -13.95 6.23
N GLY B 233 6.30 -12.92 6.62
CA GLY B 233 5.30 -12.35 5.73
C GLY B 233 5.91 -11.86 4.44
N GLN B 234 7.12 -11.30 4.51
CA GLN B 234 7.78 -10.85 3.29
C GLN B 234 8.53 -11.98 2.59
N MET B 235 8.66 -13.15 3.21
CA MET B 235 9.22 -14.29 2.51
C MET B 235 8.25 -14.80 1.46
N ALA B 236 7.08 -15.28 1.91
CA ALA B 236 6.17 -15.98 1.01
C ALA B 236 5.63 -15.06 -0.08
N TYR B 237 5.37 -13.80 0.25
CA TYR B 237 4.98 -12.85 -0.78
C TYR B 237 6.02 -12.75 -1.88
N ILE B 238 7.31 -12.76 -1.51
CA ILE B 238 8.35 -12.87 -2.52
C ILE B 238 8.25 -14.21 -3.24
N LEU B 239 8.08 -15.29 -2.49
CA LEU B 239 8.00 -16.61 -3.10
C LEU B 239 6.84 -16.68 -4.08
N GLN B 240 5.70 -16.09 -3.73
CA GLN B 240 4.59 -16.02 -4.66
C GLN B 240 4.92 -15.12 -5.85
N LEU B 241 5.60 -14.01 -5.60
CA LEU B 241 6.00 -13.14 -6.70
C LEU B 241 6.97 -13.84 -7.65
N GLN B 242 7.93 -14.60 -7.11
CA GLN B 242 8.89 -15.31 -7.93
C GLN B 242 8.30 -16.53 -8.62
N GLY B 243 7.07 -16.92 -8.28
CA GLY B 243 6.44 -18.09 -8.85
C GLY B 243 6.43 -19.32 -7.95
N ARG B 244 7.18 -19.29 -6.86
CA ARG B 244 7.27 -20.44 -5.95
C ARG B 244 6.03 -20.48 -5.05
N THR B 245 4.90 -20.80 -5.69
CA THR B 245 3.61 -20.78 -4.99
C THR B 245 3.55 -21.84 -3.89
N GLU B 246 4.05 -23.04 -4.17
CA GLU B 246 3.90 -24.15 -3.22
C GLU B 246 4.62 -23.84 -1.91
N GLU B 247 5.84 -23.31 -1.99
CA GLU B 247 6.56 -22.93 -0.77
C GLU B 247 5.85 -21.79 -0.05
N ALA B 248 5.37 -20.81 -0.79
CA ALA B 248 4.73 -19.65 -0.18
C ALA B 248 3.48 -20.04 0.58
N LEU B 249 2.70 -20.99 0.04
CA LEU B 249 1.49 -21.41 0.74
C LEU B 249 1.81 -22.06 2.09
N GLN B 250 2.82 -22.91 2.14
CA GLN B 250 3.22 -23.50 3.41
C GLN B 250 3.73 -22.44 4.37
N LEU B 251 4.46 -21.46 3.86
CA LEU B 251 4.97 -20.40 4.71
C LEU B 251 3.83 -19.57 5.29
N TYR B 252 2.80 -19.29 4.48
CA TYR B 252 1.62 -18.59 4.97
C TYR B 252 0.87 -19.41 6.00
N ASN B 253 0.76 -20.72 5.77
CA ASN B 253 0.08 -21.59 6.73
C ASN B 253 0.79 -21.57 8.07
N GLN B 254 2.12 -21.64 8.07
CA GLN B 254 2.81 -21.60 9.35
C GLN B 254 2.76 -20.20 9.96
N ILE B 255 2.68 -19.16 9.14
CA ILE B 255 2.52 -17.80 9.69
C ILE B 255 1.22 -17.69 10.46
N ILE B 256 0.11 -18.18 9.87
CA ILE B 256 -1.16 -18.10 10.58
C ILE B 256 -1.21 -19.05 11.76
N LYS B 257 -0.64 -20.26 11.65
CA LYS B 257 -0.66 -21.20 12.75
C LYS B 257 0.07 -20.66 13.98
N LEU B 258 0.94 -19.67 13.82
CA LEU B 258 1.62 -19.03 14.94
C LEU B 258 0.72 -18.07 15.70
N LYS B 259 -0.47 -17.75 15.17
CA LYS B 259 -1.42 -16.83 15.77
C LYS B 259 -0.78 -15.50 16.13
N PRO B 260 -0.28 -14.74 15.16
CA PRO B 260 0.34 -13.45 15.50
C PRO B 260 -0.69 -12.46 16.02
N THR B 261 -0.22 -11.57 16.91
CA THR B 261 -1.10 -10.59 17.53
C THR B 261 -1.50 -9.46 16.59
N ASP B 262 -0.71 -9.21 15.56
CA ASP B 262 -1.02 -8.14 14.61
C ASP B 262 -2.27 -8.48 13.82
N VAL B 263 -3.04 -7.44 13.48
CA VAL B 263 -4.28 -7.58 12.74
C VAL B 263 -4.11 -7.16 11.28
N GLY B 264 -3.39 -6.06 11.04
CA GLY B 264 -3.14 -5.65 9.67
C GLY B 264 -2.31 -6.68 8.92
N LEU B 265 -1.30 -7.23 9.57
CA LEU B 265 -0.51 -8.28 8.93
C LEU B 265 -1.32 -9.55 8.72
N LEU B 266 -2.23 -9.84 9.64
CA LEU B 266 -3.13 -10.98 9.44
C LEU B 266 -4.01 -10.76 8.22
N ALA B 267 -4.52 -9.54 8.03
CA ALA B 267 -5.30 -9.24 6.84
C ALA B 267 -4.46 -9.37 5.57
N VAL B 268 -3.22 -8.87 5.61
CA VAL B 268 -2.35 -8.96 4.44
C VAL B 268 -2.05 -10.41 4.10
N ILE B 269 -1.76 -11.22 5.11
CA ILE B 269 -1.45 -12.63 4.89
C ILE B 269 -2.68 -13.35 4.33
N ALA B 270 -3.86 -13.06 4.87
CA ALA B 270 -5.07 -13.66 4.35
C ALA B 270 -5.29 -13.29 2.90
N ASN B 271 -5.06 -12.02 2.55
CA ASN B 271 -5.23 -11.59 1.16
C ASN B 271 -4.24 -12.29 0.24
N ASN B 272 -2.98 -12.40 0.66
CA ASN B 272 -2.00 -13.08 -0.19
C ASN B 272 -2.32 -14.55 -0.34
N ILE B 273 -2.91 -15.17 0.68
CA ILE B 273 -3.41 -16.53 0.54
C ILE B 273 -4.54 -16.59 -0.47
N ILE B 274 -5.39 -15.56 -0.51
CA ILE B 274 -6.39 -15.49 -1.57
C ILE B 274 -5.71 -15.44 -2.93
N THR B 275 -4.76 -14.54 -3.10
CA THR B 275 -4.11 -14.37 -4.40
C THR B 275 -3.42 -15.65 -4.85
N ILE B 276 -2.84 -16.39 -3.91
CA ILE B 276 -2.22 -17.67 -4.26
C ILE B 276 -3.30 -18.70 -4.61
N ASN B 277 -4.38 -18.74 -3.83
CA ASN B 277 -5.39 -19.78 -4.01
C ASN B 277 -6.15 -19.58 -5.32
N LYS B 278 -6.47 -18.35 -5.67
CA LYS B 278 -7.24 -18.02 -6.88
C LYS B 278 -8.57 -18.78 -6.80
N ASP B 279 -8.91 -19.60 -7.78
CA ASP B 279 -10.18 -20.33 -7.74
C ASP B 279 -10.14 -21.46 -6.74
N GLN B 280 -9.04 -22.22 -6.71
CA GLN B 280 -9.00 -23.47 -5.96
C GLN B 280 -8.93 -23.20 -4.46
N ASN B 281 -9.38 -24.20 -3.69
CA ASN B 281 -9.37 -24.18 -2.23
C ASN B 281 -10.18 -22.99 -1.69
N VAL B 282 -11.48 -23.05 -1.98
CA VAL B 282 -12.40 -22.01 -1.54
C VAL B 282 -12.49 -21.97 -0.01
N PHE B 283 -12.19 -23.08 0.67
CA PHE B 283 -12.26 -23.09 2.12
C PHE B 283 -11.23 -22.13 2.72
N ASP B 284 -9.99 -22.18 2.22
CA ASP B 284 -8.99 -21.21 2.63
C ASP B 284 -9.45 -19.80 2.31
N SER B 285 -10.06 -19.61 1.14
CA SER B 285 -10.48 -18.27 0.73
C SER B 285 -11.52 -17.69 1.69
N LYS B 286 -12.52 -18.49 2.06
CA LYS B 286 -13.55 -17.99 2.96
C LYS B 286 -13.02 -17.80 4.37
N LYS B 287 -12.18 -18.73 4.85
CA LYS B 287 -11.61 -18.57 6.18
C LYS B 287 -10.67 -17.37 6.25
N LYS B 288 -10.08 -16.97 5.11
CA LYS B 288 -9.19 -15.81 5.12
C LYS B 288 -9.98 -14.52 4.93
N VAL B 289 -11.08 -14.56 4.18
CA VAL B 289 -11.92 -13.36 4.09
C VAL B 289 -12.59 -13.11 5.42
N LYS B 290 -12.79 -14.16 6.22
CA LYS B 290 -13.22 -13.96 7.60
C LYS B 290 -12.23 -13.10 8.37
N LEU B 291 -10.95 -13.12 7.97
CA LEU B 291 -9.90 -12.38 8.66
C LEU B 291 -9.54 -11.05 8.01
N THR B 292 -9.86 -10.86 6.73
CA THR B 292 -9.47 -9.62 6.06
C THR B 292 -10.24 -8.43 6.61
N ASN B 293 -11.50 -8.63 7.00
CA ASN B 293 -12.33 -7.58 7.59
C ASN B 293 -12.43 -7.84 9.09
N ALA B 294 -11.45 -7.35 9.84
CA ALA B 294 -11.39 -7.52 11.28
C ALA B 294 -11.31 -6.15 11.96
N GLU B 295 -11.20 -6.18 13.28
CA GLU B 295 -11.16 -4.94 14.05
C GLU B 295 -9.82 -4.24 13.88
N GLY B 296 -9.87 -2.94 13.63
CA GLY B 296 -8.66 -2.16 13.49
C GLY B 296 -7.94 -2.33 12.18
N VAL B 297 -8.48 -3.11 11.25
CA VAL B 297 -7.80 -3.38 10.00
C VAL B 297 -7.66 -2.11 9.17
N GLU B 298 -8.72 -1.29 9.13
CA GLU B 298 -8.74 -0.13 8.24
C GLU B 298 -7.72 0.93 8.63
N PHE B 299 -7.23 0.92 9.87
CA PHE B 299 -6.31 1.95 10.32
C PHE B 299 -4.85 1.57 10.18
N LYS B 300 -4.52 0.27 10.31
CA LYS B 300 -3.14 -0.16 10.16
C LYS B 300 -2.72 -0.15 8.70
N LEU B 301 -3.59 -0.60 7.81
CA LEU B 301 -3.27 -0.69 6.39
C LEU B 301 -3.37 0.68 5.74
N SER B 302 -2.87 0.80 4.52
CA SER B 302 -2.88 2.04 3.77
C SER B 302 -4.08 2.07 2.81
N LYS B 303 -4.17 3.14 2.02
CA LYS B 303 -5.23 3.22 1.02
C LYS B 303 -5.03 2.17 -0.07
N LYS B 304 -3.79 2.03 -0.55
CA LYS B 304 -3.52 1.09 -1.64
C LYS B 304 -3.77 -0.34 -1.20
N GLN B 305 -3.34 -0.69 0.01
CA GLN B 305 -3.52 -2.06 0.48
C GLN B 305 -4.99 -2.41 0.67
N LEU B 306 -5.77 -1.52 1.28
CA LEU B 306 -7.20 -1.78 1.45
C LEU B 306 -7.92 -1.81 0.10
N GLN B 307 -7.51 -0.94 -0.82
CA GLN B 307 -8.05 -0.96 -2.17
C GLN B 307 -7.80 -2.30 -2.84
N ALA B 308 -6.58 -2.83 -2.70
CA ALA B 308 -6.26 -4.11 -3.31
C ALA B 308 -7.01 -5.26 -2.63
N ILE B 309 -7.22 -5.17 -1.31
CA ILE B 309 -8.02 -6.19 -0.64
C ILE B 309 -9.45 -6.18 -1.17
N GLU B 310 -10.02 -4.99 -1.37
CA GLU B 310 -11.35 -4.91 -1.96
C GLU B 310 -11.36 -5.46 -3.38
N PHE B 311 -10.31 -5.16 -4.14
CA PHE B 311 -10.13 -5.74 -5.47
C PHE B 311 -10.21 -7.26 -5.43
N ASN B 312 -9.50 -7.86 -4.48
CA ASN B 312 -9.45 -9.31 -4.40
C ASN B 312 -10.76 -9.90 -3.90
N LYS B 313 -11.50 -9.15 -3.08
CA LYS B 313 -12.77 -9.64 -2.57
C LYS B 313 -13.77 -9.88 -3.71
N ALA B 314 -13.84 -8.95 -4.65
CA ALA B 314 -14.78 -9.09 -5.76
C ALA B 314 -14.44 -10.28 -6.64
N LEU B 315 -13.15 -10.49 -6.93
CA LEU B 315 -12.74 -11.63 -7.74
C LEU B 315 -13.15 -12.94 -7.09
N LEU B 316 -12.88 -13.08 -5.79
CA LEU B 316 -13.27 -14.27 -5.06
C LEU B 316 -14.78 -14.45 -5.10
N ALA B 317 -15.53 -13.36 -4.92
CA ALA B 317 -16.97 -13.42 -4.92
C ALA B 317 -17.51 -13.91 -6.26
N MET B 318 -16.93 -13.41 -7.35
CA MET B 318 -17.36 -13.88 -8.68
C MET B 318 -17.00 -15.36 -8.86
N TYR B 319 -15.80 -15.75 -8.41
CA TYR B 319 -15.32 -17.10 -8.63
C TYR B 319 -16.16 -18.15 -7.92
N THR B 320 -16.45 -17.95 -6.64
CA THR B 320 -17.15 -19.00 -5.92
C THR B 320 -18.46 -18.52 -5.28
N ASN B 321 -18.51 -17.27 -4.87
CA ASN B 321 -19.70 -16.76 -4.20
C ASN B 321 -20.74 -16.36 -5.23
N GLN B 322 -21.95 -16.04 -4.75
CA GLN B 322 -23.03 -15.64 -5.64
C GLN B 322 -22.71 -14.28 -6.27
N ALA B 323 -23.26 -14.06 -7.47
CA ALA B 323 -23.03 -12.80 -8.17
C ALA B 323 -23.63 -11.61 -7.45
N GLU B 324 -24.66 -11.85 -6.62
CA GLU B 324 -25.31 -10.76 -5.90
C GLU B 324 -24.34 -10.00 -5.00
N GLN B 325 -23.36 -10.69 -4.43
CA GLN B 325 -22.32 -10.05 -3.65
C GLN B 325 -21.08 -9.71 -4.46
N CYS B 326 -20.87 -10.38 -5.60
CA CYS B 326 -19.77 -10.00 -6.48
C CYS B 326 -19.98 -8.59 -7.04
N ARG B 327 -21.20 -8.29 -7.49
CA ARG B 327 -21.45 -6.96 -8.06
C ARG B 327 -21.35 -5.88 -6.99
N LYS B 328 -21.85 -6.16 -5.79
CA LYS B 328 -21.87 -5.15 -4.73
C LYS B 328 -20.47 -4.71 -4.36
N ILE B 329 -19.55 -5.66 -4.18
CA ILE B 329 -18.20 -5.32 -3.74
C ILE B 329 -17.47 -4.54 -4.83
N SER B 330 -17.61 -4.97 -6.08
CA SER B 330 -16.96 -4.27 -7.19
C SER B 330 -17.51 -2.86 -7.33
N ALA B 331 -18.82 -2.68 -7.16
CA ALA B 331 -19.41 -1.34 -7.21
C ALA B 331 -18.89 -0.49 -6.06
N SER B 332 -18.78 -1.07 -4.86
CA SER B 332 -18.27 -0.32 -3.71
C SER B 332 -16.85 0.16 -3.96
N LEU B 333 -16.01 -0.71 -4.53
CA LEU B 333 -14.67 -0.29 -4.90
C LEU B 333 -14.71 0.77 -6.01
N GLN B 334 -15.67 0.65 -6.93
CA GLN B 334 -15.83 1.64 -7.99
C GLN B 334 -16.18 3.00 -7.42
N SER B 335 -16.82 3.02 -6.24
CA SER B 335 -17.04 4.28 -5.55
C SER B 335 -15.69 4.91 -5.22
N GLN B 336 -14.75 4.10 -4.78
CA GLN B 336 -13.39 4.54 -4.50
C GLN B 336 -12.48 4.48 -5.72
N SER B 337 -12.97 3.98 -6.86
CA SER B 337 -12.19 3.75 -8.07
C SER B 337 -11.36 4.96 -8.52
N PRO B 338 -11.90 6.19 -8.50
CA PRO B 338 -11.10 7.33 -8.99
C PRO B 338 -9.74 7.48 -8.32
N GLU B 339 -9.49 6.78 -7.21
CA GLU B 339 -8.17 6.79 -6.61
C GLU B 339 -7.12 6.19 -7.54
N HIS B 340 -7.22 4.90 -7.82
CA HIS B 340 -6.22 4.18 -8.62
C HIS B 340 -6.69 2.75 -8.83
N LEU B 341 -5.89 1.97 -9.55
CA LEU B 341 -6.03 0.52 -9.67
C LEU B 341 -7.39 0.13 -10.25
N LEU B 342 -7.58 0.51 -11.52
CA LEU B 342 -8.85 0.41 -12.24
C LEU B 342 -9.60 -0.89 -11.96
N PRO B 343 -10.75 -0.80 -11.29
CA PRO B 343 -11.54 -2.00 -10.95
C PRO B 343 -12.67 -2.33 -11.93
N VAL B 344 -12.82 -1.58 -13.03
CA VAL B 344 -13.93 -1.79 -13.94
C VAL B 344 -13.89 -3.19 -14.54
N LEU B 345 -12.68 -3.75 -14.66
CA LEU B 345 -12.51 -5.02 -15.35
C LEU B 345 -13.20 -6.16 -14.60
N ILE B 346 -13.38 -6.04 -13.29
CA ILE B 346 -14.09 -7.07 -12.55
C ILE B 346 -15.52 -7.16 -13.04
N GLN B 347 -16.18 -6.01 -13.15
CA GLN B 347 -17.55 -5.99 -13.67
C GLN B 347 -17.61 -6.39 -15.13
N ALA B 348 -16.62 -5.98 -15.93
CA ALA B 348 -16.59 -6.38 -17.33
C ALA B 348 -16.51 -7.89 -17.46
N ALA B 349 -15.64 -8.52 -16.66
CA ALA B 349 -15.50 -9.97 -16.69
C ALA B 349 -16.74 -10.67 -16.14
N GLN B 350 -17.40 -10.06 -15.15
CA GLN B 350 -18.65 -10.64 -14.66
C GLN B 350 -19.73 -10.62 -15.73
N LEU B 351 -19.81 -9.51 -16.48
CA LEU B 351 -20.73 -9.46 -17.62
C LEU B 351 -20.37 -10.50 -18.67
N CYS B 352 -19.08 -10.64 -18.98
CA CYS B 352 -18.64 -11.67 -19.92
C CYS B 352 -18.99 -13.06 -19.42
N ARG B 353 -19.03 -13.25 -18.10
CA ARG B 353 -19.44 -14.52 -17.53
C ARG B 353 -20.94 -14.72 -17.59
N GLU B 354 -21.71 -13.64 -17.78
CA GLU B 354 -23.16 -13.71 -17.86
C GLU B 354 -23.67 -13.66 -19.30
N LYS B 355 -22.84 -14.08 -20.26
CA LYS B 355 -23.21 -14.09 -21.68
C LYS B 355 -23.58 -12.70 -22.17
N GLN B 356 -22.84 -11.69 -21.73
CA GLN B 356 -23.08 -10.31 -22.14
C GLN B 356 -21.73 -9.66 -22.44
N HIS B 357 -21.39 -9.58 -23.72
CA HIS B 357 -20.11 -9.02 -24.15
C HIS B 357 -20.22 -7.61 -24.71
N THR B 358 -21.33 -7.25 -25.34
CA THR B 358 -21.48 -5.92 -25.88
C THR B 358 -21.59 -4.88 -24.76
N LYS B 359 -22.32 -5.20 -23.70
CA LYS B 359 -22.36 -4.31 -22.54
C LYS B 359 -20.97 -4.14 -21.95
N ALA B 360 -20.20 -5.23 -21.89
CA ALA B 360 -18.83 -5.15 -21.41
C ALA B 360 -18.01 -4.21 -22.29
N ILE B 361 -18.14 -4.34 -23.61
CA ILE B 361 -17.38 -3.50 -24.53
C ILE B 361 -17.74 -2.04 -24.33
N GLU B 362 -19.03 -1.73 -24.18
CA GLU B 362 -19.45 -0.35 -23.94
C GLU B 362 -18.87 0.17 -22.63
N LEU B 363 -18.88 -0.67 -21.59
CA LEU B 363 -18.36 -0.27 -20.29
C LEU B 363 -16.86 0.04 -20.38
N LEU B 364 -16.11 -0.79 -21.10
CA LEU B 364 -14.71 -0.49 -21.33
C LEU B 364 -14.53 0.79 -22.14
N GLN B 365 -15.37 0.99 -23.15
CA GLN B 365 -15.17 2.09 -24.08
C GLN B 365 -15.39 3.43 -23.40
N GLU B 366 -16.48 3.55 -22.62
CA GLU B 366 -16.76 4.81 -21.94
C GLU B 366 -15.66 5.15 -20.95
N PHE B 367 -15.18 4.15 -20.20
CA PHE B 367 -14.08 4.38 -19.27
C PHE B 367 -12.84 4.84 -20.00
N SER B 368 -12.55 4.23 -21.16
CA SER B 368 -11.42 4.67 -21.97
C SER B 368 -11.57 6.12 -22.39
N ASP B 369 -12.78 6.53 -22.77
CA ASP B 369 -12.98 7.92 -23.20
C ASP B 369 -12.85 8.91 -22.05
N GLN B 370 -13.34 8.54 -20.86
CA GLN B 370 -13.37 9.49 -19.75
C GLN B 370 -11.97 9.92 -19.33
N HIS B 371 -11.08 8.96 -19.12
CA HIS B 371 -9.72 9.26 -18.69
C HIS B 371 -8.73 9.03 -19.83
N PRO B 372 -7.97 10.05 -20.25
CA PRO B 372 -7.09 9.87 -21.41
C PRO B 372 -5.71 9.31 -21.07
N GLU B 373 -5.27 9.48 -19.82
CA GLU B 373 -3.95 8.98 -19.45
C GLU B 373 -3.96 7.49 -19.16
N ASN B 374 -5.12 6.97 -18.72
CA ASN B 374 -5.31 5.56 -18.44
C ASN B 374 -5.81 4.78 -19.65
N ALA B 375 -6.18 5.49 -20.73
CA ALA B 375 -6.86 4.85 -21.85
C ALA B 375 -6.01 3.79 -22.52
N ALA B 376 -4.74 4.08 -22.78
CA ALA B 376 -3.91 3.15 -23.53
C ALA B 376 -4.04 1.73 -22.99
N GLU B 377 -3.63 1.52 -21.74
CA GLU B 377 -3.56 0.17 -21.21
C GLU B 377 -4.91 -0.53 -21.21
N ILE B 378 -6.01 0.23 -21.22
CA ILE B 378 -7.28 -0.45 -21.05
C ILE B 378 -7.83 -0.86 -22.41
N LYS B 379 -7.42 -0.17 -23.47
CA LYS B 379 -7.82 -0.60 -24.81
C LYS B 379 -7.34 -2.01 -25.10
N LEU B 380 -6.18 -2.39 -24.55
CA LEU B 380 -5.66 -3.74 -24.72
C LEU B 380 -6.69 -4.78 -24.31
N THR B 381 -7.49 -4.48 -23.29
CA THR B 381 -8.48 -5.46 -22.86
C THR B 381 -9.66 -5.53 -23.81
N MET B 382 -10.01 -4.42 -24.45
CA MET B 382 -11.12 -4.46 -25.41
C MET B 382 -10.80 -5.39 -26.57
N ALA B 383 -9.60 -5.24 -27.15
CA ALA B 383 -9.25 -6.00 -28.34
C ALA B 383 -9.39 -7.50 -28.11
N GLN B 384 -8.93 -7.99 -26.97
CA GLN B 384 -9.02 -9.42 -26.69
C GLN B 384 -10.45 -9.92 -26.81
N LEU B 385 -11.42 -9.15 -26.32
CA LEU B 385 -12.81 -9.58 -26.41
C LEU B 385 -13.24 -9.72 -27.86
N LYS B 386 -12.84 -8.78 -28.71
CA LYS B 386 -13.16 -8.86 -30.12
C LYS B 386 -12.22 -9.79 -30.89
N ILE B 387 -11.50 -10.68 -30.18
CA ILE B 387 -10.93 -11.86 -30.80
C ILE B 387 -11.58 -13.13 -30.28
N SER B 388 -12.65 -13.01 -29.48
CA SER B 388 -13.28 -14.18 -28.90
C SER B 388 -13.84 -15.10 -29.98
N GLN B 389 -14.65 -14.56 -30.88
CA GLN B 389 -15.20 -15.36 -31.97
C GLN B 389 -15.22 -14.64 -33.32
N GLY B 390 -14.85 -13.37 -33.39
CA GLY B 390 -14.91 -12.67 -34.65
C GLY B 390 -14.60 -11.20 -34.46
N ASN B 391 -14.76 -10.45 -35.55
CA ASN B 391 -14.46 -9.02 -35.60
C ASN B 391 -12.98 -8.77 -35.26
N ILE B 392 -12.10 -9.52 -35.91
CA ILE B 392 -10.67 -9.39 -35.66
C ILE B 392 -10.16 -8.03 -36.14
N SER B 393 -10.65 -7.55 -37.28
CA SER B 393 -10.13 -6.32 -37.86
C SER B 393 -10.34 -5.14 -36.91
N LYS B 394 -11.50 -5.08 -36.25
CA LYS B 394 -11.72 -4.03 -35.26
C LYS B 394 -10.71 -4.14 -34.12
N ALA B 395 -10.39 -5.38 -33.70
CA ALA B 395 -9.39 -5.56 -32.66
C ALA B 395 -8.03 -5.02 -33.10
N CYS B 396 -7.65 -5.27 -34.35
CA CYS B 396 -6.41 -4.70 -34.85
C CYS B 396 -6.47 -3.18 -34.90
N LEU B 397 -7.62 -2.61 -35.23
CA LEU B 397 -7.77 -1.16 -35.22
C LEU B 397 -7.56 -0.60 -33.81
N ILE B 398 -8.16 -1.24 -32.81
CA ILE B 398 -7.96 -0.79 -31.43
C ILE B 398 -6.50 -0.89 -31.05
N LEU B 399 -5.86 -2.01 -31.39
CA LEU B 399 -4.45 -2.18 -31.03
C LEU B 399 -3.57 -1.13 -31.69
N ARG B 400 -3.85 -0.81 -32.95
CA ARG B 400 -3.16 0.28 -33.63
C ARG B 400 -3.46 1.63 -33.00
N SER B 401 -4.63 1.80 -32.39
CA SER B 401 -5.01 3.07 -31.80
C SER B 401 -4.27 3.38 -30.50
N ILE B 402 -3.51 2.43 -29.95
CA ILE B 402 -2.77 2.65 -28.71
C ILE B 402 -1.45 3.30 -29.11
N GLU B 403 -1.43 4.64 -29.09
CA GLU B 403 -0.22 5.37 -29.44
C GLU B 403 0.83 5.20 -28.34
N GLU B 404 2.09 5.42 -28.72
CA GLU B 404 3.26 5.33 -27.84
C GLU B 404 3.56 3.86 -27.54
N LEU B 405 2.65 2.97 -27.95
CA LEU B 405 2.77 1.54 -27.75
C LEU B 405 2.62 0.76 -29.06
N LYS B 406 2.55 1.47 -30.18
CA LYS B 406 2.37 0.83 -31.47
C LYS B 406 3.67 0.21 -31.97
N HIS B 407 4.81 0.81 -31.63
CA HIS B 407 6.11 0.38 -32.12
C HIS B 407 6.63 -0.85 -31.41
N LYS B 408 6.04 -1.18 -30.25
CA LYS B 408 6.57 -2.20 -29.36
C LYS B 408 6.53 -3.55 -30.07
N PRO B 409 7.66 -4.27 -30.10
CA PRO B 409 7.78 -5.44 -30.98
C PRO B 409 6.73 -6.52 -30.78
N GLY B 410 6.34 -6.78 -29.54
CA GLY B 410 5.31 -7.78 -29.30
C GLY B 410 4.01 -7.36 -29.95
N MET B 411 3.69 -6.08 -29.81
CA MET B 411 2.49 -5.54 -30.42
C MET B 411 2.55 -5.60 -31.94
N VAL B 412 3.69 -5.26 -32.54
CA VAL B 412 3.79 -5.30 -33.99
C VAL B 412 3.70 -6.73 -34.50
N SER B 413 4.24 -7.69 -33.75
CA SER B 413 4.14 -9.10 -34.15
C SER B 413 2.69 -9.58 -34.09
N ALA B 414 2.00 -9.27 -32.99
CA ALA B 414 0.59 -9.66 -32.89
C ALA B 414 -0.23 -9.00 -33.99
N LEU B 415 0.04 -7.72 -34.25
CA LEU B 415 -0.69 -7.01 -35.29
C LEU B 415 -0.46 -7.65 -36.65
N VAL B 416 0.79 -8.00 -36.96
CA VAL B 416 1.08 -8.53 -38.29
C VAL B 416 0.48 -9.92 -38.45
N THR B 417 0.46 -10.72 -37.38
CA THR B 417 -0.17 -12.05 -37.54
C THR B 417 -1.68 -11.93 -37.67
N MET B 418 -2.31 -11.01 -36.92
CA MET B 418 -3.74 -10.82 -37.10
C MET B 418 -4.05 -10.26 -38.48
N TYR B 419 -3.20 -9.36 -38.99
CA TYR B 419 -3.35 -8.85 -40.34
C TYR B 419 -3.24 -9.97 -41.36
N SER B 420 -2.29 -10.89 -41.16
CA SER B 420 -2.10 -11.99 -42.08
C SER B 420 -3.18 -13.05 -41.96
N HIS B 421 -4.01 -13.00 -40.91
CA HIS B 421 -5.14 -13.92 -40.84
C HIS B 421 -6.09 -13.73 -42.02
N GLU B 422 -6.42 -12.47 -42.35
CA GLU B 422 -7.25 -12.16 -43.51
C GLU B 422 -6.45 -11.43 -44.59
N GLU B 423 -5.19 -11.83 -44.76
CA GLU B 423 -4.26 -11.28 -45.76
C GLU B 423 -4.44 -9.78 -45.98
N ASP B 424 -4.28 -9.03 -44.88
CA ASP B 424 -4.19 -7.58 -44.96
C ASP B 424 -2.73 -7.14 -44.98
N ILE B 425 -2.08 -7.38 -46.11
CA ILE B 425 -0.63 -7.33 -46.19
C ILE B 425 -0.13 -5.89 -46.18
N ASP B 426 -0.52 -5.11 -47.19
CA ASP B 426 0.04 -3.77 -47.37
C ASP B 426 -0.05 -2.93 -46.10
N SER B 427 -1.16 -3.05 -45.38
CA SER B 427 -1.27 -2.39 -44.08
C SER B 427 -0.24 -2.92 -43.10
N ALA B 428 0.08 -4.22 -43.17
CA ALA B 428 1.11 -4.77 -42.30
C ALA B 428 2.49 -4.17 -42.62
N ILE B 429 2.82 -4.05 -43.90
CA ILE B 429 4.09 -3.40 -44.24
C ILE B 429 4.07 -1.93 -43.81
N GLU B 430 2.92 -1.28 -43.90
CA GLU B 430 2.82 0.11 -43.44
C GLU B 430 3.13 0.20 -41.95
N VAL B 431 2.58 -0.73 -41.16
CA VAL B 431 2.89 -0.77 -39.73
C VAL B 431 4.38 -1.01 -39.51
N PHE B 432 4.95 -1.92 -40.29
CA PHE B 432 6.37 -2.23 -40.16
C PHE B 432 7.22 -0.99 -40.39
N THR B 433 6.94 -0.24 -41.46
CA THR B 433 7.79 0.91 -41.77
C THR B 433 7.55 2.05 -40.80
N GLN B 434 6.32 2.24 -40.32
CA GLN B 434 6.10 3.30 -39.34
C GLN B 434 6.78 2.98 -38.02
N ALA B 435 6.76 1.69 -37.63
CA ALA B 435 7.50 1.29 -36.42
C ALA B 435 9.00 1.47 -36.61
N ILE B 436 9.51 1.16 -37.81
CA ILE B 436 10.92 1.35 -38.10
C ILE B 436 11.29 2.83 -37.97
N GLN B 437 10.46 3.71 -38.53
CA GLN B 437 10.69 5.14 -38.44
C GLN B 437 10.68 5.61 -36.99
N TRP B 438 9.70 5.12 -36.22
CA TRP B 438 9.61 5.47 -34.80
C TRP B 438 10.88 5.09 -34.06
N TYR B 439 11.31 3.84 -34.21
CA TYR B 439 12.50 3.37 -33.50
C TYR B 439 13.75 4.11 -33.96
N GLN B 440 13.90 4.31 -35.27
CA GLN B 440 15.09 4.95 -35.79
C GLN B 440 15.21 6.39 -35.32
N ASN B 441 14.09 7.12 -35.28
CA ASN B 441 14.10 8.46 -34.73
C ASN B 441 14.34 8.44 -33.22
N HIS B 442 13.77 7.46 -32.51
CA HIS B 442 13.88 7.42 -31.07
C HIS B 442 15.20 6.78 -30.61
N GLN B 443 15.39 5.51 -30.93
CA GLN B 443 16.56 4.74 -30.48
C GLN B 443 17.18 4.05 -31.69
N PRO B 444 18.05 4.75 -32.42
CA PRO B 444 18.71 4.10 -33.57
C PRO B 444 19.61 2.96 -33.13
N LYS B 445 19.72 1.97 -34.01
CA LYS B 445 20.61 0.83 -33.83
C LYS B 445 20.21 -0.06 -32.66
N SER B 446 18.97 0.09 -32.18
CA SER B 446 18.49 -0.71 -31.06
C SER B 446 18.43 -2.18 -31.46
N PRO B 447 18.63 -3.10 -30.51
CA PRO B 447 18.47 -4.53 -30.83
C PRO B 447 17.08 -4.85 -31.36
N ALA B 448 16.06 -4.35 -30.68
CA ALA B 448 14.69 -4.55 -31.15
C ALA B 448 14.43 -3.87 -32.47
N HIS B 449 14.97 -2.65 -32.66
CA HIS B 449 14.79 -1.95 -33.92
C HIS B 449 15.45 -2.69 -35.07
N LEU B 450 16.67 -3.19 -34.86
CA LEU B 450 17.33 -3.99 -35.88
C LEU B 450 16.59 -5.29 -36.14
N SER B 451 16.01 -5.90 -35.10
CA SER B 451 15.16 -7.06 -35.32
C SER B 451 13.99 -6.69 -36.23
N LEU B 452 13.35 -5.55 -35.96
CA LEU B 452 12.22 -5.13 -36.77
C LEU B 452 12.63 -4.89 -38.22
N ILE B 453 13.79 -4.27 -38.44
CA ILE B 453 14.19 -3.99 -39.82
C ILE B 453 14.51 -5.28 -40.57
N ARG B 454 15.21 -6.22 -39.92
CA ARG B 454 15.51 -7.46 -40.62
C ARG B 454 14.24 -8.26 -40.91
N GLU B 455 13.31 -8.31 -39.96
CA GLU B 455 12.08 -9.06 -40.21
C GLU B 455 11.18 -8.35 -41.22
N ALA B 456 11.23 -7.02 -41.27
CA ALA B 456 10.51 -6.29 -42.31
C ALA B 456 11.10 -6.58 -43.68
N ALA B 457 12.42 -6.63 -43.78
CA ALA B 457 13.05 -7.02 -45.04
C ALA B 457 12.66 -8.44 -45.42
N ASN B 458 12.60 -9.34 -44.45
CA ASN B 458 12.18 -10.71 -44.73
C ASN B 458 10.74 -10.75 -45.23
N PHE B 459 9.85 -9.99 -44.59
CA PHE B 459 8.44 -9.98 -45.01
C PHE B 459 8.29 -9.40 -46.42
N LYS B 460 9.04 -8.34 -46.73
CA LYS B 460 9.04 -7.82 -48.09
C LYS B 460 9.61 -8.85 -49.07
N LEU B 461 10.58 -9.66 -48.61
CA LEU B 461 11.16 -10.68 -49.47
C LEU B 461 10.15 -11.76 -49.79
N LYS B 462 9.32 -12.14 -48.82
CA LYS B 462 8.37 -13.23 -48.99
C LYS B 462 7.36 -12.97 -50.11
N TYR B 463 6.51 -11.96 -49.94
CA TYR B 463 5.44 -11.68 -50.88
C TYR B 463 5.82 -10.69 -51.97
N GLY B 464 7.02 -10.14 -51.92
CA GLY B 464 7.46 -9.19 -52.94
C GLY B 464 7.56 -7.76 -52.43
#